data_2Q8J
#
_entry.id   2Q8J
#
_cell.length_a   63.400
_cell.length_b   50.300
_cell.length_c   65.900
_cell.angle_alpha   90.00
_cell.angle_beta   107.80
_cell.angle_gamma   90.00
#
_symmetry.space_group_name_H-M   'P 1 21 1'
#
loop_
_entity.id
_entity.type
_entity.pdbx_description
1 polymer Lactotransferrin
2 branched alpha-D-mannopyranose-(1-4)-2-acetamido-2-deoxy-beta-D-glucopyranose-(1-4)-2-acetamido-2-deoxy-beta-D-glucopyranose
3 branched 2-acetamido-2-deoxy-beta-D-glucopyranose-(1-4)-2-acetamido-2-deoxy-beta-D-glucopyranose
4 non-polymer 2-acetamido-2-deoxy-beta-D-glucopyranose
5 non-polymer beta-D-mannopyranose
6 non-polymer 'FE (III) ION'
7 non-polymer 'CARBONATE ION'
8 non-polymer 'ZINC ION'
9 non-polymer 'SULFATE ION'
10 non-polymer D-MANNITOL-1,6-DIPHOSPHATE
11 water water
#
_entity_poly.entity_id   1
_entity_poly.type   'polypeptide(L)'
_entity_poly.pdbx_seq_one_letter_code
;YTRVVWCAVGPEEQKKCQQWSQQSGQNVTCATASTTDDCIVLVLKGEADALNLDGGYIYTAGKCGLVPVLAENRKSSKHS
SLDCVLRPTEGYLAVAVVKKANEGLTWNSLKDKKSCHTAVDRTAGWNIPMGLIVNQTGSCAFDEFFSQSCAPGADPKSRL
CALCAGDDQGLDKCVPNSKEKYYGYTGAFRCLAEDVGDVAFVKNDTVWENTNGESTADWAKNLKREDFRLLCLDGTRKPV
TEAQSCHLAVAPNHAVVSRSDRAAHVEQVLLHQQALFGKNGKNCPDKFCLFKSETKNLLFNDNTECLAKLGGRPTYEEYL
GTEYVTAIANLKKCSTSPLLEACAFLTR
;
_entity_poly.pdbx_strand_id   A
#
# COMPACT_ATOMS: atom_id res chain seq x y z
N TYR A 1 8.58 12.46 -26.85
CA TYR A 1 8.15 11.00 -26.78
C TYR A 1 6.65 10.76 -26.36
N THR A 2 6.14 11.65 -25.47
CA THR A 2 4.72 11.88 -25.05
C THR A 2 3.58 10.80 -24.84
N ARG A 3 3.88 9.51 -24.84
CA ARG A 3 2.83 8.49 -24.52
C ARG A 3 3.30 7.49 -23.46
N VAL A 4 2.68 7.56 -22.29
CA VAL A 4 3.08 6.74 -21.16
C VAL A 4 2.32 5.39 -21.22
N VAL A 5 3.01 4.28 -21.01
CA VAL A 5 2.40 2.94 -20.85
C VAL A 5 2.37 2.59 -19.32
N TRP A 6 1.17 2.54 -18.68
CA TRP A 6 0.98 2.24 -17.26
C TRP A 6 1.00 0.71 -16.99
N CYS A 7 1.35 0.23 -15.79
CA CYS A 7 1.29 -1.23 -15.57
C CYS A 7 0.18 -1.50 -14.55
N ALA A 8 -0.87 -2.19 -14.89
CA ALA A 8 -1.83 -2.45 -13.93
C ALA A 8 -1.56 -3.80 -13.37
N VAL A 9 -1.79 -3.90 -12.07
CA VAL A 9 -1.61 -5.13 -11.28
C VAL A 9 -2.92 -5.88 -11.11
N GLY A 10 -3.10 -6.93 -11.93
CA GLY A 10 -4.26 -7.82 -11.82
C GLY A 10 -5.44 -7.21 -12.52
N PRO A 11 -6.52 -7.98 -12.73
CA PRO A 11 -7.58 -7.53 -13.66
C PRO A 11 -8.45 -6.29 -13.25
N GLU A 12 -8.70 -6.05 -11.97
CA GLU A 12 -9.55 -4.92 -11.59
C GLU A 12 -8.84 -3.61 -11.94
N GLU A 13 -7.53 -3.56 -11.72
CA GLU A 13 -6.74 -2.38 -12.05
C GLU A 13 -6.60 -2.29 -13.56
N GLN A 14 -6.41 -3.41 -14.27
CA GLN A 14 -6.53 -3.31 -15.71
C GLN A 14 -7.84 -2.62 -16.15
N LYS A 15 -8.99 -3.00 -15.56
CA LYS A 15 -10.25 -2.45 -16.01
C LYS A 15 -10.26 -0.95 -15.72
N LYS A 16 -9.75 -0.50 -14.60
CA LYS A 16 -9.65 0.95 -14.39
C LYS A 16 -8.61 1.54 -15.37
N CYS A 17 -7.54 0.85 -15.67
CA CYS A 17 -6.55 1.43 -16.55
C CYS A 17 -7.17 1.61 -17.93
N GLN A 18 -7.88 0.62 -18.50
CA GLN A 18 -8.52 0.77 -19.85
C GLN A 18 -9.41 2.03 -20.03
N GLN A 19 -10.07 2.37 -18.94
CA GLN A 19 -10.94 3.52 -18.91
C GLN A 19 -10.19 4.84 -18.98
N TRP A 20 -9.18 4.96 -18.12
CA TRP A 20 -8.24 6.04 -18.18
C TRP A 20 -7.62 6.05 -19.55
N SER A 21 -7.31 4.91 -20.14
CA SER A 21 -6.72 4.93 -21.48
C SER A 21 -7.66 5.53 -22.56
N GLN A 22 -8.92 5.03 -22.65
CA GLN A 22 -10.05 5.66 -23.39
C GLN A 22 -10.11 7.20 -23.30
N GLN A 23 -10.40 7.74 -22.09
CA GLN A 23 -10.65 9.15 -21.80
C GLN A 23 -9.47 10.02 -22.06
N SER A 24 -8.28 9.44 -22.01
CA SER A 24 -7.09 10.23 -22.29
C SER A 24 -6.68 10.25 -23.80
N GLY A 25 -7.51 9.66 -24.67
CA GLY A 25 -7.18 9.57 -26.09
C GLY A 25 -5.86 8.89 -26.34
N GLN A 26 -5.70 7.73 -25.68
CA GLN A 26 -4.49 6.90 -25.84
C GLN A 26 -3.21 7.66 -25.46
N ASN A 27 -3.28 8.69 -24.62
CA ASN A 27 -2.02 9.28 -24.11
C ASN A 27 -1.44 8.39 -23.00
N VAL A 28 -2.25 7.41 -22.57
CA VAL A 28 -1.88 6.50 -21.53
C VAL A 28 -2.50 5.24 -22.00
N THR A 29 -1.66 4.24 -22.07
CA THR A 29 -1.96 2.91 -22.48
C THR A 29 -1.66 1.93 -21.31
N CYS A 30 -2.19 0.71 -21.34
CA CYS A 30 -2.02 -0.23 -20.25
C CYS A 30 -1.27 -1.53 -20.56
N ALA A 31 -0.49 -1.99 -19.60
CA ALA A 31 0.07 -3.33 -19.57
C ALA A 31 -0.49 -4.03 -18.29
N THR A 32 -0.50 -5.36 -18.22
CA THR A 32 -1.05 -6.03 -17.06
C THR A 32 -0.13 -7.17 -16.64
N ALA A 33 0.01 -7.37 -15.31
CA ALA A 33 0.85 -8.41 -14.72
C ALA A 33 0.06 -8.86 -13.51
N SER A 34 0.27 -10.11 -13.10
CA SER A 34 -0.39 -10.61 -11.95
C SER A 34 0.25 -10.15 -10.68
N THR A 35 1.37 -9.46 -10.74
CA THR A 35 1.97 -9.07 -9.50
C THR A 35 2.82 -7.83 -9.66
N THR A 36 2.94 -7.05 -8.57
CA THR A 36 3.72 -5.84 -8.52
C THR A 36 5.10 -6.13 -9.07
N ASP A 37 5.79 -7.18 -8.59
CA ASP A 37 7.07 -7.64 -9.16
C ASP A 37 7.05 -7.84 -10.72
N ASP A 38 6.03 -8.51 -11.30
CA ASP A 38 6.08 -8.66 -12.72
C ASP A 38 5.93 -7.30 -13.36
N CYS A 39 5.24 -6.38 -12.67
CA CYS A 39 5.09 -5.05 -13.24
C CYS A 39 6.45 -4.35 -13.22
N ILE A 40 7.25 -4.53 -12.16
CA ILE A 40 8.55 -3.87 -12.07
C ILE A 40 9.48 -4.36 -13.16
N VAL A 41 9.42 -5.66 -13.46
CA VAL A 41 10.21 -6.28 -14.56
C VAL A 41 9.79 -5.71 -15.91
N LEU A 42 8.46 -5.62 -16.14
CA LEU A 42 7.91 -5.06 -17.38
C LEU A 42 8.47 -3.66 -17.51
N VAL A 43 8.80 -2.99 -16.40
CA VAL A 43 9.28 -1.59 -16.47
C VAL A 43 10.80 -1.59 -16.86
N LEU A 44 11.55 -2.57 -16.36
CA LEU A 44 12.98 -2.65 -16.60
C LEU A 44 13.13 -2.97 -18.08
N LYS A 45 12.32 -3.89 -18.60
CA LYS A 45 12.49 -4.41 -19.94
C LYS A 45 12.20 -3.30 -20.96
N GLY A 46 11.41 -2.33 -20.53
CA GLY A 46 11.01 -1.26 -21.40
C GLY A 46 9.58 -1.36 -21.90
N GLU A 47 8.79 -2.33 -21.46
CA GLU A 47 7.47 -2.58 -22.03
C GLU A 47 6.35 -1.84 -21.32
N ALA A 48 6.62 -1.32 -20.12
CA ALA A 48 5.72 -0.37 -19.49
C ALA A 48 6.61 0.79 -19.00
N ASP A 49 6.04 1.99 -18.82
CA ASP A 49 6.82 3.11 -18.29
C ASP A 49 6.75 3.32 -16.76
N ALA A 50 5.56 3.19 -16.13
CA ALA A 50 5.47 3.61 -14.72
C ALA A 50 4.41 2.83 -13.99
N LEU A 51 4.51 2.75 -12.67
CA LEU A 51 3.45 2.26 -11.70
C LEU A 51 3.58 3.00 -10.33
N ASN A 52 2.51 3.11 -9.53
CA ASN A 52 2.55 3.73 -8.18
C ASN A 52 2.93 2.57 -7.26
N LEU A 53 3.83 2.77 -6.30
CA LEU A 53 4.25 1.65 -5.45
C LEU A 53 4.32 2.13 -4.04
N ASP A 54 4.25 1.17 -3.15
CA ASP A 54 4.38 1.34 -1.72
C ASP A 54 5.85 1.37 -1.33
N GLY A 55 6.16 1.99 -0.23
CA GLY A 55 7.58 2.05 0.13
C GLY A 55 8.28 0.70 0.02
N GLY A 56 7.67 -0.40 0.36
CA GLY A 56 8.39 -1.64 0.45
C GLY A 56 8.79 -2.03 -0.93
N TYR A 57 7.90 -1.88 -1.91
CA TYR A 57 8.28 -2.27 -3.26
C TYR A 57 9.24 -1.25 -3.93
N ILE A 58 9.31 0.02 -3.45
CA ILE A 58 10.17 1.04 -4.10
C ILE A 58 11.56 0.57 -3.81
N TYR A 59 11.77 -0.02 -2.64
CA TYR A 59 13.08 -0.59 -2.30
C TYR A 59 13.44 -1.71 -3.33
N THR A 60 12.50 -2.57 -3.73
CA THR A 60 12.81 -3.60 -4.73
C THR A 60 13.13 -2.86 -6.04
N ALA A 61 12.20 -2.04 -6.49
CA ALA A 61 12.36 -1.28 -7.70
C ALA A 61 13.72 -0.54 -7.77
N GLY A 62 14.21 0.02 -6.66
CA GLY A 62 15.40 0.92 -6.64
C GLY A 62 16.74 0.22 -6.73
N LYS A 63 16.81 -1.04 -6.34
CA LYS A 63 18.04 -1.78 -6.42
C LYS A 63 18.18 -2.18 -7.83
N CYS A 64 17.06 -2.23 -8.51
CA CYS A 64 17.06 -2.52 -9.95
C CYS A 64 17.25 -1.27 -10.82
N GLY A 65 17.65 -0.15 -10.21
CA GLY A 65 17.79 1.12 -10.92
C GLY A 65 16.56 1.94 -11.24
N LEU A 66 15.43 1.67 -10.62
CA LEU A 66 14.22 2.49 -10.96
C LEU A 66 14.14 3.71 -10.01
N VAL A 67 13.32 4.71 -10.34
CA VAL A 67 13.37 5.95 -9.54
C VAL A 67 12.01 6.55 -9.31
N PRO A 68 11.81 7.17 -8.15
CA PRO A 68 10.55 7.79 -7.81
C PRO A 68 10.47 9.04 -8.61
N VAL A 69 9.28 9.40 -9.04
CA VAL A 69 9.07 10.49 -9.92
C VAL A 69 8.11 11.44 -9.23
N LEU A 70 6.93 10.97 -8.84
CA LEU A 70 5.88 11.77 -8.18
C LEU A 70 5.42 10.95 -6.93
N ALA A 71 5.03 11.63 -5.82
CA ALA A 71 4.51 10.96 -4.59
C ALA A 71 3.04 11.27 -4.34
N GLU A 72 2.24 10.28 -3.88
CA GLU A 72 0.89 10.60 -3.46
C GLU A 72 0.91 11.60 -2.27
N ASN A 73 0.06 12.63 -2.30
CA ASN A 73 -0.13 13.49 -1.14
C ASN A 73 -1.56 13.44 -0.74
N ARG A 74 -1.82 13.45 0.55
CA ARG A 74 -3.22 13.45 1.00
C ARG A 74 -3.56 14.82 1.60
N LYS A 75 -4.86 15.11 1.83
CA LYS A 75 -5.25 16.40 2.47
C LYS A 75 -4.63 16.53 3.84
N SER A 76 -3.68 17.45 4.00
CA SER A 76 -3.08 17.69 5.31
C SER A 76 -3.83 18.77 6.13
N SER A 77 -3.51 18.89 7.42
CA SER A 77 -4.00 20.07 8.19
C SER A 77 -2.99 21.24 8.06
N LYS A 78 -1.83 21.08 8.70
CA LYS A 78 -0.67 21.95 8.50
C LYS A 78 -0.20 21.93 7.04
N HIS A 79 0.38 23.06 6.60
CA HIS A 79 0.95 23.27 5.23
C HIS A 79 -0.08 23.69 4.17
N SER A 80 -1.01 24.54 4.60
CA SER A 80 -2.29 24.72 3.89
C SER A 80 -2.26 25.81 2.82
N SER A 81 -1.24 26.67 2.88
CA SER A 81 -1.14 27.79 1.93
C SER A 81 -0.47 27.40 0.61
N LEU A 82 0.34 26.34 0.66
CA LEU A 82 1.00 25.77 -0.51
C LEU A 82 -0.01 24.95 -1.34
N ASP A 83 0.16 24.93 -2.66
CA ASP A 83 -0.63 24.04 -3.48
C ASP A 83 -0.19 22.63 -3.24
N CYS A 84 -1.10 21.67 -3.44
CA CYS A 84 -0.83 20.21 -3.32
C CYS A 84 0.42 19.64 -4.09
N VAL A 85 0.67 20.15 -5.30
CA VAL A 85 1.71 19.59 -6.18
C VAL A 85 3.12 19.87 -5.67
N LEU A 86 3.25 20.93 -4.88
CA LEU A 86 4.56 21.43 -4.41
C LEU A 86 4.70 21.24 -2.91
N ARG A 87 3.61 20.82 -2.27
CA ARG A 87 3.51 20.72 -0.82
C ARG A 87 4.26 19.46 -0.41
N PRO A 88 5.08 19.50 0.63
CA PRO A 88 5.73 18.22 1.00
C PRO A 88 4.73 17.12 1.37
N THR A 89 5.18 15.88 1.29
CA THR A 89 4.36 14.73 1.63
C THR A 89 4.56 14.39 3.12
N GLU A 90 3.48 14.08 3.84
CA GLU A 90 3.63 13.89 5.27
C GLU A 90 3.84 12.48 5.71
N GLY A 91 3.59 11.50 4.87
CA GLY A 91 3.86 10.15 5.36
C GLY A 91 2.63 9.59 6.05
N TYR A 92 2.42 8.28 5.95
CA TYR A 92 1.28 7.73 6.68
C TYR A 92 1.66 6.95 7.96
N LEU A 93 0.70 6.64 8.85
CA LEU A 93 1.16 5.88 10.04
C LEU A 93 0.88 4.39 9.91
N ALA A 94 1.82 3.55 10.21
CA ALA A 94 1.58 2.14 10.17
C ALA A 94 0.97 1.81 11.60
N VAL A 95 -0.18 1.15 11.71
CA VAL A 95 -0.76 0.84 13.03
C VAL A 95 -1.06 -0.66 13.05
N ALA A 96 -1.34 -1.22 14.23
CA ALA A 96 -1.77 -2.61 14.36
C ALA A 96 -3.12 -2.51 15.00
N VAL A 97 -4.17 -2.99 14.37
CA VAL A 97 -5.55 -2.85 14.83
C VAL A 97 -6.12 -4.22 15.28
N VAL A 98 -6.90 -4.17 16.35
CA VAL A 98 -7.54 -5.32 16.99
C VAL A 98 -9.01 -4.99 17.26
N LYS A 99 -9.84 -6.01 17.41
CA LYS A 99 -11.21 -5.81 17.82
C LYS A 99 -11.18 -5.48 19.31
N LYS A 100 -11.97 -4.51 19.71
CA LYS A 100 -12.09 -4.10 21.12
C LYS A 100 -12.59 -5.26 21.95
N ALA A 101 -13.60 -5.99 21.47
CA ALA A 101 -14.17 -7.12 22.20
C ALA A 101 -13.10 -8.12 22.55
N ASN A 102 -11.95 -8.02 21.88
CA ASN A 102 -10.86 -8.98 22.11
C ASN A 102 -9.98 -8.51 23.27
N GLU A 103 -10.55 -8.39 24.47
CA GLU A 103 -9.86 -7.75 25.61
C GLU A 103 -8.57 -8.50 25.89
N GLY A 104 -7.61 -7.87 26.52
CA GLY A 104 -6.41 -8.64 26.77
C GLY A 104 -5.39 -8.94 25.67
N LEU A 105 -5.71 -8.75 24.37
CA LEU A 105 -4.71 -8.85 23.33
C LEU A 105 -3.88 -7.58 23.28
N THR A 106 -2.55 -7.67 23.43
CA THR A 106 -1.66 -6.48 23.36
C THR A 106 -0.50 -6.75 22.41
N TRP A 107 0.42 -5.81 22.23
CA TRP A 107 1.63 -6.08 21.47
C TRP A 107 2.44 -7.19 22.08
N ASN A 108 2.44 -7.34 23.40
CA ASN A 108 3.11 -8.47 24.10
C ASN A 108 2.52 -9.86 24.02
N SER A 109 1.34 -10.02 23.47
CA SER A 109 0.71 -11.36 23.43
C SER A 109 0.13 -11.71 22.04
N LEU A 110 0.84 -11.25 20.99
CA LEU A 110 0.49 -11.47 19.58
C LEU A 110 0.92 -12.88 19.15
N LYS A 111 1.83 -13.50 19.92
CA LYS A 111 2.36 -14.79 19.51
C LYS A 111 1.28 -15.89 19.48
N ASP A 112 1.20 -16.63 18.38
CA ASP A 112 0.14 -17.65 18.19
C ASP A 112 -1.30 -17.15 17.92
N LYS A 113 -1.45 -15.82 17.85
CA LYS A 113 -2.65 -15.21 17.37
C LYS A 113 -2.70 -15.28 15.84
N LYS A 114 -3.78 -14.73 15.26
CA LYS A 114 -4.07 -14.88 13.84
C LYS A 114 -3.89 -13.52 13.22
N SER A 115 -3.10 -13.45 12.13
CA SER A 115 -2.77 -12.14 11.53
C SER A 115 -3.22 -11.90 10.10
N CYS A 116 -3.62 -10.65 9.84
CA CYS A 116 -4.03 -10.12 8.57
C CYS A 116 -2.96 -9.12 8.07
N HIS A 117 -2.28 -9.42 6.95
CA HIS A 117 -1.25 -8.53 6.39
C HIS A 117 -1.69 -8.01 5.03
N THR A 118 -1.24 -6.82 4.62
CA THR A 118 -1.68 -6.24 3.38
C THR A 118 -1.10 -7.11 2.25
N ALA A 119 0.21 -7.34 2.34
CA ALA A 119 0.93 -8.24 1.41
C ALA A 119 2.42 -8.24 1.78
N VAL A 120 3.04 -9.42 1.66
CA VAL A 120 4.51 -9.60 1.73
C VAL A 120 5.19 -8.42 1.08
N ASP A 121 6.21 -7.93 1.74
CA ASP A 121 7.03 -6.83 1.21
C ASP A 121 6.48 -5.42 1.20
N ARG A 122 5.29 -5.23 1.77
CA ARG A 122 4.75 -3.88 1.83
C ARG A 122 5.14 -3.19 3.16
N THR A 123 5.10 -1.86 3.26
CA THR A 123 5.48 -1.19 4.49
C THR A 123 4.69 -1.47 5.78
N ALA A 124 3.42 -1.08 5.88
CA ALA A 124 2.75 -1.32 7.12
C ALA A 124 2.27 -2.74 7.14
N GLY A 125 2.09 -3.38 6.01
CA GLY A 125 1.49 -4.71 6.15
C GLY A 125 2.53 -5.78 6.50
N TRP A 126 3.79 -5.52 6.14
CA TRP A 126 4.81 -6.58 6.31
C TRP A 126 6.15 -6.12 6.89
N ASN A 127 6.92 -5.30 6.19
CA ASN A 127 8.23 -4.89 6.64
C ASN A 127 8.28 -4.30 8.06
N ILE A 128 7.39 -3.35 8.43
CA ILE A 128 7.44 -2.70 9.72
C ILE A 128 7.07 -3.71 10.81
N PRO A 129 5.90 -4.42 10.70
CA PRO A 129 5.55 -5.34 11.79
C PRO A 129 6.49 -6.56 11.89
N MET A 130 6.83 -7.19 10.76
CA MET A 130 7.71 -8.39 10.82
C MET A 130 9.11 -7.94 11.26
N GLY A 131 9.50 -6.76 10.80
CA GLY A 131 10.77 -6.21 11.20
C GLY A 131 10.89 -6.14 12.72
N LEU A 132 9.87 -5.61 13.39
CA LEU A 132 9.93 -5.45 14.86
C LEU A 132 9.89 -6.82 15.57
N ILE A 133 9.09 -7.78 15.07
CA ILE A 133 8.96 -9.13 15.65
C ILE A 133 10.26 -9.88 15.56
N VAL A 134 10.95 -9.79 14.43
CA VAL A 134 12.25 -10.43 14.29
C VAL A 134 13.23 -9.90 15.38
N ASN A 135 13.33 -8.57 15.49
CA ASN A 135 14.25 -7.95 16.46
C ASN A 135 13.96 -8.43 17.87
N GLN A 136 12.79 -8.06 18.37
CA GLN A 136 12.27 -8.48 19.68
C GLN A 136 12.33 -9.99 19.95
N THR A 137 12.14 -10.78 18.92
CA THR A 137 12.07 -12.21 19.10
C THR A 137 13.49 -12.79 18.93
N GLY A 138 14.45 -11.97 18.50
CA GLY A 138 15.80 -12.44 18.10
C GLY A 138 15.75 -13.68 17.21
N SER A 139 15.02 -13.64 16.08
CA SER A 139 14.89 -14.82 15.21
C SER A 139 14.33 -14.54 13.81
N CYS A 140 14.97 -15.04 12.76
CA CYS A 140 14.39 -14.96 11.42
C CYS A 140 13.21 -15.87 11.26
N ALA A 141 12.87 -16.52 12.34
CA ALA A 141 11.77 -17.43 12.32
C ALA A 141 10.37 -16.69 12.20
N PHE A 142 10.33 -15.53 11.56
CA PHE A 142 9.05 -14.80 11.46
C PHE A 142 7.89 -15.65 10.79
N ASP A 143 8.21 -16.77 10.15
CA ASP A 143 7.16 -17.66 9.60
C ASP A 143 6.45 -18.56 10.61
N GLU A 144 6.92 -18.60 11.85
CA GLU A 144 6.29 -19.46 12.88
C GLU A 144 5.74 -18.67 14.06
N PHE A 145 5.70 -17.35 13.94
CA PHE A 145 5.34 -16.49 15.04
C PHE A 145 3.83 -16.48 15.14
N PHE A 146 3.13 -16.34 14.01
CA PHE A 146 1.68 -16.24 14.02
C PHE A 146 1.16 -17.66 13.78
N SER A 147 0.08 -18.10 14.45
CA SER A 147 -0.36 -19.49 14.19
C SER A 147 -0.72 -19.57 12.71
N GLN A 148 -1.46 -18.54 12.26
CA GLN A 148 -1.99 -18.45 10.92
C GLN A 148 -2.19 -17.02 10.53
N SER A 149 -1.96 -16.73 9.25
CA SER A 149 -2.16 -15.41 8.74
C SER A 149 -2.75 -15.46 7.34
N CYS A 150 -3.14 -14.30 6.82
CA CYS A 150 -3.21 -14.13 5.37
C CYS A 150 -2.23 -13.05 5.00
N ALA A 151 -1.18 -13.44 4.28
CA ALA A 151 -0.09 -12.54 3.92
C ALA A 151 0.14 -12.69 2.37
N PRO A 152 -0.71 -12.03 1.55
CA PRO A 152 -0.58 -12.28 0.16
C PRO A 152 0.87 -12.19 -0.32
N GLY A 153 1.24 -13.19 -1.16
CA GLY A 153 2.56 -13.29 -1.76
C GLY A 153 3.43 -14.33 -1.13
N ALA A 154 3.03 -14.85 0.02
CA ALA A 154 3.80 -15.90 0.64
C ALA A 154 3.37 -17.22 0.05
N ASP A 155 4.00 -18.33 0.43
CA ASP A 155 3.73 -19.66 -0.15
C ASP A 155 2.30 -20.10 0.16
N PRO A 156 1.48 -20.33 -0.89
CA PRO A 156 0.06 -20.69 -0.68
C PRO A 156 -0.18 -21.89 0.29
N LYS A 157 0.80 -22.79 0.41
CA LYS A 157 0.67 -24.02 1.22
C LYS A 157 1.16 -23.84 2.66
N SER A 158 1.67 -22.63 3.00
CA SER A 158 2.12 -22.37 4.38
C SER A 158 1.09 -21.67 5.17
N ARG A 159 1.32 -21.61 6.48
CA ARG A 159 0.44 -20.89 7.41
C ARG A 159 0.25 -19.42 7.04
N LEU A 160 1.30 -18.76 6.55
CA LEU A 160 1.20 -17.38 6.12
C LEU A 160 0.04 -17.14 5.12
N CYS A 161 -0.47 -18.16 4.44
CA CYS A 161 -1.65 -18.06 3.52
C CYS A 161 -2.96 -18.80 4.01
N ALA A 162 -2.91 -19.44 5.17
CA ALA A 162 -4.03 -20.17 5.74
C ALA A 162 -5.33 -19.35 5.78
N LEU A 163 -5.22 -18.04 5.91
CA LEU A 163 -6.40 -17.24 6.15
C LEU A 163 -6.90 -16.47 4.94
N CYS A 164 -6.20 -16.61 3.78
CA CYS A 164 -6.57 -15.83 2.56
C CYS A 164 -7.71 -16.58 1.83
N ALA A 165 -8.58 -15.92 1.12
CA ALA A 165 -9.75 -16.60 0.61
C ALA A 165 -9.78 -16.65 -0.91
N GLY A 166 -8.84 -16.05 -1.58
CA GLY A 166 -8.94 -16.18 -3.03
C GLY A 166 -10.07 -15.33 -3.58
N ASP A 167 -10.48 -15.56 -4.81
CA ASP A 167 -11.46 -14.68 -5.37
C ASP A 167 -12.88 -15.26 -5.24
N ASP A 168 -13.79 -14.76 -6.10
CA ASP A 168 -15.21 -15.17 -6.26
C ASP A 168 -15.40 -16.66 -6.16
N GLN A 169 -14.55 -17.43 -6.83
CA GLN A 169 -14.72 -18.86 -6.86
C GLN A 169 -13.65 -19.64 -6.12
N GLY A 170 -12.79 -18.99 -5.35
CA GLY A 170 -11.72 -19.72 -4.63
C GLY A 170 -10.37 -19.85 -5.36
N LEU A 171 -10.31 -19.44 -6.62
CA LEU A 171 -9.05 -19.45 -7.29
C LEU A 171 -8.14 -18.31 -6.80
N ASP A 172 -6.85 -18.42 -7.08
CA ASP A 172 -5.89 -17.35 -6.79
C ASP A 172 -5.72 -17.05 -5.28
N LYS A 173 -5.60 -18.08 -4.44
CA LYS A 173 -5.54 -17.91 -2.98
C LYS A 173 -4.16 -17.33 -2.64
N CYS A 174 -4.19 -16.21 -1.94
CA CYS A 174 -2.96 -15.49 -1.59
C CYS A 174 -2.25 -14.69 -2.70
N VAL A 175 -2.78 -14.57 -3.92
CA VAL A 175 -2.02 -13.84 -4.93
C VAL A 175 -1.93 -12.42 -4.42
N PRO A 176 -0.80 -11.72 -4.69
CA PRO A 176 -0.68 -10.34 -4.22
C PRO A 176 -1.20 -9.32 -5.19
N ASN A 177 -2.53 -9.28 -5.27
CA ASN A 177 -3.30 -8.33 -6.08
C ASN A 177 -4.75 -8.44 -5.66
N SER A 178 -5.54 -7.47 -6.07
CA SER A 178 -6.83 -7.26 -5.50
C SER A 178 -7.78 -8.34 -5.78
N LYS A 179 -7.37 -9.40 -6.41
CA LYS A 179 -8.28 -10.49 -6.69
C LYS A 179 -8.51 -11.31 -5.43
N GLU A 180 -7.50 -11.34 -4.58
CA GLU A 180 -7.51 -12.02 -3.30
C GLU A 180 -8.43 -11.14 -2.43
N LYS A 181 -9.45 -11.77 -1.87
CA LYS A 181 -10.37 -11.08 -0.99
C LYS A 181 -9.68 -10.13 0.01
N TYR A 182 -8.62 -10.61 0.68
CA TYR A 182 -8.06 -9.94 1.86
C TYR A 182 -6.69 -9.38 1.51
N TYR A 183 -6.54 -8.89 0.26
CA TYR A 183 -5.28 -8.30 -0.22
C TYR A 183 -5.29 -6.81 0.01
N GLY A 184 -4.16 -6.23 0.39
CA GLY A 184 -4.11 -4.77 0.53
C GLY A 184 -4.73 -4.14 1.77
N TYR A 185 -4.59 -2.83 1.91
CA TYR A 185 -5.12 -2.12 3.05
C TYR A 185 -6.55 -2.56 3.37
N THR A 186 -7.42 -2.53 2.34
CA THR A 186 -8.81 -2.81 2.56
C THR A 186 -9.03 -4.29 2.86
N GLY A 187 -8.35 -5.15 2.11
CA GLY A 187 -8.32 -6.58 2.36
C GLY A 187 -8.01 -6.91 3.81
N ALA A 188 -6.86 -6.47 4.30
CA ALA A 188 -6.41 -6.76 5.68
C ALA A 188 -7.40 -6.26 6.71
N PHE A 189 -7.95 -5.11 6.46
CA PHE A 189 -8.85 -4.58 7.44
C PHE A 189 -10.14 -5.48 7.44
N ARG A 190 -10.71 -5.77 6.28
CA ARG A 190 -11.81 -6.76 6.22
C ARG A 190 -11.47 -8.06 7.00
N CYS A 191 -10.23 -8.50 6.88
CA CYS A 191 -9.82 -9.83 7.30
C CYS A 191 -9.94 -9.85 8.83
N LEU A 192 -10.00 -8.64 9.39
CA LEU A 192 -10.12 -8.44 10.85
C LEU A 192 -11.59 -8.08 11.19
N ALA A 193 -12.23 -7.23 10.40
CA ALA A 193 -13.63 -6.88 10.59
C ALA A 193 -14.46 -8.12 10.65
N GLU A 194 -14.28 -9.03 9.67
CA GLU A 194 -14.96 -10.32 9.63
C GLU A 194 -14.47 -11.34 10.69
N ASP A 195 -13.48 -10.95 11.49
CA ASP A 195 -12.87 -11.83 12.51
C ASP A 195 -12.18 -13.02 11.96
N VAL A 196 -11.76 -13.01 10.68
CA VAL A 196 -10.87 -14.07 10.20
C VAL A 196 -9.56 -14.03 11.02
N GLY A 197 -9.04 -12.85 11.25
CA GLY A 197 -7.76 -12.75 11.92
C GLY A 197 -7.95 -11.97 13.18
N ASP A 198 -6.91 -11.94 14.01
CA ASP A 198 -6.97 -11.25 15.35
C ASP A 198 -6.45 -9.84 15.33
N VAL A 199 -5.55 -9.59 14.38
CA VAL A 199 -4.84 -8.33 14.22
C VAL A 199 -4.54 -8.08 12.72
N ALA A 200 -4.54 -6.81 12.35
CA ALA A 200 -4.42 -6.42 11.00
C ALA A 200 -3.37 -5.31 11.04
N PHE A 201 -2.36 -5.45 10.17
CA PHE A 201 -1.30 -4.47 9.97
C PHE A 201 -1.64 -3.66 8.69
N VAL A 202 -2.20 -2.46 8.92
CA VAL A 202 -2.64 -1.52 7.91
C VAL A 202 -2.07 -0.16 8.33
N LYS A 203 -2.68 0.89 7.83
CA LYS A 203 -2.24 2.24 8.15
C LYS A 203 -3.45 2.93 8.85
N ASN A 204 -3.14 4.03 9.54
CA ASN A 204 -4.14 4.78 10.27
C ASN A 204 -5.35 5.15 9.41
N ASP A 205 -5.17 5.55 8.15
CA ASP A 205 -6.29 6.09 7.37
C ASP A 205 -7.29 5.01 7.06
N THR A 206 -6.85 3.75 7.08
CA THR A 206 -7.73 2.66 6.73
C THR A 206 -8.77 2.44 7.77
N VAL A 207 -8.50 2.59 9.08
CA VAL A 207 -9.57 2.44 10.05
C VAL A 207 -10.71 3.50 9.79
N TRP A 208 -10.32 4.74 9.56
CA TRP A 208 -11.27 5.83 9.39
C TRP A 208 -12.09 5.66 8.13
N GLU A 209 -11.45 5.33 7.00
CA GLU A 209 -12.09 5.25 5.71
C GLU A 209 -13.09 4.15 5.61
N ASN A 210 -12.97 3.10 6.41
CA ASN A 210 -13.96 2.01 6.35
C ASN A 210 -14.85 1.81 7.56
N THR A 211 -14.99 2.83 8.40
CA THR A 211 -15.91 2.71 9.55
C THR A 211 -16.92 3.90 9.54
N ASN A 212 -18.04 3.73 10.26
CA ASN A 212 -19.03 4.79 10.48
C ASN A 212 -19.59 5.34 9.19
N GLY A 213 -20.05 4.44 8.33
CA GLY A 213 -20.72 4.86 7.12
C GLY A 213 -19.83 5.55 6.10
N GLU A 214 -18.51 5.55 6.31
CA GLU A 214 -17.60 6.09 5.27
C GLU A 214 -17.50 5.16 4.06
N SER A 215 -17.74 3.87 4.22
CA SER A 215 -17.63 2.95 3.08
C SER A 215 -18.93 2.52 2.36
N THR A 216 -20.00 2.16 3.07
CA THR A 216 -21.19 1.65 2.29
C THR A 216 -20.93 0.32 1.57
N ALA A 217 -19.71 -0.22 1.69
CA ALA A 217 -19.48 -1.63 1.30
C ALA A 217 -20.08 -2.56 2.32
N ASP A 218 -20.67 -3.62 1.85
CA ASP A 218 -21.44 -4.50 2.68
C ASP A 218 -20.75 -4.96 3.99
N TRP A 219 -19.43 -5.19 3.97
CA TRP A 219 -18.67 -5.76 5.14
C TRP A 219 -18.40 -4.72 6.20
N ALA A 220 -18.48 -3.46 5.78
CA ALA A 220 -17.99 -2.31 6.51
C ALA A 220 -19.14 -1.38 6.93
N LYS A 221 -20.24 -1.47 6.17
CA LYS A 221 -21.54 -0.77 6.31
C LYS A 221 -21.85 -0.43 7.77
N ASN A 222 -21.70 -1.44 8.67
CA ASN A 222 -21.95 -1.35 10.09
C ASN A 222 -20.76 -1.36 11.00
N LEU A 223 -19.55 -1.21 10.49
CA LEU A 223 -18.38 -1.06 11.34
C LEU A 223 -18.35 0.32 12.09
N LYS A 224 -18.17 0.24 13.40
CA LYS A 224 -18.09 1.39 14.25
C LYS A 224 -16.63 1.49 14.71
N ARG A 225 -16.00 2.66 14.61
CA ARG A 225 -14.61 2.88 15.10
C ARG A 225 -14.42 2.55 16.56
N GLU A 226 -15.39 2.94 17.39
CA GLU A 226 -15.35 2.64 18.85
C GLU A 226 -15.15 1.13 19.12
N ASP A 227 -15.31 0.30 18.08
CA ASP A 227 -15.14 -1.15 18.21
C ASP A 227 -13.70 -1.62 17.93
N PHE A 228 -12.81 -0.67 17.65
CA PHE A 228 -11.45 -1.01 17.36
C PHE A 228 -10.48 -0.42 18.41
N ARG A 229 -9.31 -1.05 18.54
CA ARG A 229 -8.24 -0.49 19.31
C ARG A 229 -6.96 -0.57 18.55
N LEU A 230 -6.07 0.41 18.73
CA LEU A 230 -4.71 0.36 18.20
C LEU A 230 -3.78 -0.31 19.25
N LEU A 231 -2.90 -1.26 18.87
CA LEU A 231 -1.90 -1.79 19.78
C LEU A 231 -0.62 -0.98 19.65
N CYS A 232 -0.12 -0.46 20.78
CA CYS A 232 1.08 0.32 20.81
C CYS A 232 2.23 -0.52 21.28
N LEU A 233 3.45 -0.03 21.03
CA LEU A 233 4.65 -0.76 21.45
C LEU A 233 4.87 -0.82 22.98
N ASP A 234 4.23 0.03 23.77
CA ASP A 234 4.49 -0.01 25.20
C ASP A 234 3.62 -1.05 25.89
N GLY A 235 2.89 -1.88 25.17
CA GLY A 235 2.10 -2.90 25.84
C GLY A 235 0.69 -2.38 25.93
N THR A 236 0.51 -1.10 25.75
CA THR A 236 -0.83 -0.50 25.90
C THR A 236 -1.83 -0.82 24.72
N ARG A 237 -3.06 -0.25 24.79
CA ARG A 237 -4.14 -0.29 23.77
C ARG A 237 -4.87 1.07 23.74
N LYS A 238 -5.14 1.68 22.59
CA LYS A 238 -5.79 2.97 22.68
C LYS A 238 -6.85 3.13 21.60
N PRO A 239 -7.83 4.01 21.83
CA PRO A 239 -8.77 4.37 20.76
C PRO A 239 -8.09 4.71 19.38
N VAL A 240 -8.80 4.42 18.28
CA VAL A 240 -8.27 4.68 16.96
C VAL A 240 -8.08 6.18 16.82
N THR A 241 -8.68 6.98 17.72
CA THR A 241 -8.39 8.44 17.68
C THR A 241 -6.97 8.80 18.14
N GLU A 242 -6.22 7.85 18.72
CA GLU A 242 -4.90 8.20 19.24
C GLU A 242 -3.74 7.70 18.39
N ALA A 243 -3.91 7.60 17.05
CA ALA A 243 -2.92 6.92 16.21
C ALA A 243 -1.58 7.66 16.29
N GLN A 244 -1.72 8.97 16.48
CA GLN A 244 -0.58 9.89 16.65
C GLN A 244 0.37 9.51 17.77
N SER A 245 -0.09 8.79 18.79
CA SER A 245 0.76 8.40 19.95
C SER A 245 0.74 6.90 20.28
N CYS A 246 0.23 6.12 19.33
CA CYS A 246 0.16 4.66 19.36
C CYS A 246 0.28 4.06 17.87
N HIS A 247 1.44 4.29 17.22
CA HIS A 247 1.78 3.70 15.92
C HIS A 247 3.10 2.86 15.89
N LEU A 248 3.22 1.92 14.97
CA LEU A 248 4.46 1.21 14.83
C LEU A 248 5.54 2.04 14.06
N ALA A 249 5.15 2.98 13.21
CA ALA A 249 6.15 3.67 12.37
C ALA A 249 5.46 4.62 11.47
N VAL A 250 6.17 5.65 10.99
CA VAL A 250 5.57 6.51 9.96
C VAL A 250 6.18 6.10 8.61
N ALA A 251 5.37 5.87 7.62
CA ALA A 251 5.85 5.23 6.43
C ALA A 251 5.95 6.28 5.34
N PRO A 252 6.91 6.11 4.42
CA PRO A 252 6.94 7.05 3.34
C PRO A 252 5.76 6.82 2.41
N ASN A 253 5.10 7.89 1.98
CA ASN A 253 4.03 7.77 0.94
C ASN A 253 4.34 6.87 -0.28
N HIS A 254 3.29 6.31 -0.83
CA HIS A 254 3.40 5.56 -2.05
C HIS A 254 3.83 6.52 -3.16
N ALA A 255 4.61 6.05 -4.10
CA ALA A 255 5.10 6.95 -5.16
C ALA A 255 5.11 6.23 -6.51
N VAL A 256 4.95 7.01 -7.58
CA VAL A 256 5.10 6.56 -8.97
C VAL A 256 6.61 6.33 -9.26
N VAL A 257 7.01 5.20 -9.86
CA VAL A 257 8.42 4.92 -10.24
C VAL A 257 8.57 4.68 -11.81
N SER A 258 9.76 4.84 -12.37
CA SER A 258 9.91 4.62 -13.82
C SER A 258 11.39 4.40 -14.06
N ARG A 259 11.80 3.83 -15.18
CA ARG A 259 13.23 3.82 -15.41
C ARG A 259 13.77 5.25 -15.41
N SER A 260 15.00 5.44 -14.93
CA SER A 260 15.51 6.84 -14.96
C SER A 260 15.57 7.53 -16.30
N ASP A 261 15.85 6.80 -17.37
CA ASP A 261 15.89 7.41 -18.71
C ASP A 261 14.48 7.84 -19.23
N ARG A 262 13.42 7.57 -18.44
CA ARG A 262 12.00 7.91 -18.77
C ARG A 262 11.26 8.83 -17.77
N ALA A 263 11.88 9.20 -16.63
CA ALA A 263 11.18 9.91 -15.54
C ALA A 263 10.68 11.25 -15.95
N ALA A 264 11.44 11.97 -16.76
CA ALA A 264 11.03 13.33 -17.12
C ALA A 264 9.84 13.27 -18.02
N HIS A 265 9.79 12.31 -18.93
CA HIS A 265 8.65 12.09 -19.75
C HIS A 265 7.44 11.59 -18.94
N VAL A 266 7.61 10.53 -18.13
CA VAL A 266 6.50 10.00 -17.24
C VAL A 266 5.92 11.08 -16.28
N GLU A 267 6.74 12.00 -15.80
CA GLU A 267 6.31 13.19 -15.07
C GLU A 267 5.50 14.24 -15.82
N GLN A 268 5.96 14.67 -17.00
CA GLN A 268 5.22 15.68 -17.77
C GLN A 268 3.78 15.18 -18.06
N VAL A 269 3.64 13.92 -18.53
CA VAL A 269 2.34 13.29 -18.84
C VAL A 269 1.43 13.17 -17.60
N LEU A 270 2.00 12.85 -16.43
CA LEU A 270 1.23 12.70 -15.18
C LEU A 270 0.66 14.00 -14.61
N LEU A 271 1.47 15.06 -14.53
CA LEU A 271 0.99 16.38 -14.10
C LEU A 271 -0.14 16.83 -15.02
N HIS A 272 -0.05 16.67 -16.36
CA HIS A 272 -1.20 17.02 -17.28
C HIS A 272 -2.41 16.13 -17.14
N GLN A 273 -2.20 14.84 -16.91
CA GLN A 273 -3.31 13.86 -16.71
C GLN A 273 -4.13 14.12 -15.41
N GLN A 274 -3.43 14.57 -14.36
CA GLN A 274 -4.08 14.87 -13.09
C GLN A 274 -4.75 16.26 -13.12
N ALA A 275 -4.29 17.15 -14.02
CA ALA A 275 -4.94 18.45 -14.22
C ALA A 275 -6.30 18.31 -14.94
N LEU A 276 -6.55 17.13 -15.50
CA LEU A 276 -7.77 16.76 -16.22
C LEU A 276 -8.60 15.73 -15.39
N PHE A 277 -7.90 14.79 -14.74
CA PHE A 277 -8.61 13.75 -14.03
C PHE A 277 -8.33 13.76 -12.55
N GLY A 278 -7.49 14.68 -12.10
CA GLY A 278 -7.16 14.71 -10.69
C GLY A 278 -8.34 15.20 -9.90
N LYS A 279 -8.09 15.62 -8.64
CA LYS A 279 -9.18 15.93 -7.72
C LYS A 279 -10.08 17.07 -8.20
N ASN A 280 -9.47 18.09 -8.81
CA ASN A 280 -10.26 19.18 -9.39
C ASN A 280 -10.16 19.28 -10.91
N GLY A 281 -9.84 18.15 -11.52
CA GLY A 281 -9.66 18.10 -12.94
C GLY A 281 -10.88 18.60 -13.66
N LYS A 282 -10.59 19.11 -14.84
CA LYS A 282 -11.56 19.58 -15.79
C LYS A 282 -12.58 18.50 -16.02
N ASN A 283 -12.12 17.23 -16.05
CA ASN A 283 -13.00 16.13 -16.46
C ASN A 283 -13.24 15.15 -15.37
N CYS A 284 -12.92 15.53 -14.14
CA CYS A 284 -12.99 14.56 -13.06
C CYS A 284 -14.40 14.19 -12.84
N PRO A 285 -15.16 14.96 -12.03
CA PRO A 285 -16.39 14.19 -11.59
C PRO A 285 -17.29 13.76 -12.77
N ASP A 286 -17.49 14.66 -13.76
CA ASP A 286 -18.34 14.45 -14.98
C ASP A 286 -17.88 13.24 -15.84
N LYS A 287 -16.61 13.22 -16.26
CA LYS A 287 -16.19 12.12 -17.14
C LYS A 287 -15.43 10.98 -16.43
N PHE A 288 -14.19 11.16 -15.98
CA PHE A 288 -13.47 10.06 -15.25
C PHE A 288 -12.59 10.65 -14.16
N CYS A 289 -12.45 9.97 -13.01
CA CYS A 289 -11.53 10.39 -11.96
C CYS A 289 -10.47 9.33 -11.59
N LEU A 290 -9.19 9.66 -11.85
CA LEU A 290 -7.99 8.92 -11.41
C LEU A 290 -7.97 8.47 -9.98
N PHE A 291 -8.37 9.29 -9.00
CA PHE A 291 -8.13 8.93 -7.59
C PHE A 291 -9.37 8.37 -6.92
N LYS A 292 -10.26 7.76 -7.70
CA LYS A 292 -11.47 7.19 -7.14
C LYS A 292 -11.71 5.80 -7.70
N SER A 293 -12.31 4.93 -6.91
CA SER A 293 -12.61 3.55 -7.30
C SER A 293 -13.44 2.84 -6.21
N GLU A 294 -14.46 3.54 -5.69
CA GLU A 294 -15.32 2.99 -4.61
C GLU A 294 -14.56 2.09 -3.57
N THR A 295 -13.72 2.75 -2.74
CA THR A 295 -13.00 2.15 -1.56
C THR A 295 -11.95 1.03 -1.85
N LYS A 296 -11.59 0.86 -3.14
CA LYS A 296 -10.76 -0.30 -3.57
C LYS A 296 -9.29 -0.03 -3.89
N ASN A 297 -8.86 1.24 -3.71
CA ASN A 297 -7.49 1.68 -4.00
C ASN A 297 -6.83 1.09 -5.26
N LEU A 298 -7.41 1.34 -6.46
CA LEU A 298 -6.87 0.77 -7.67
C LEU A 298 -6.03 1.83 -8.33
N LEU A 299 -4.84 1.45 -8.77
CA LEU A 299 -3.85 2.35 -9.28
C LEU A 299 -3.30 3.32 -8.25
N PHE A 300 -4.16 4.05 -7.50
CA PHE A 300 -3.74 4.98 -6.45
C PHE A 300 -4.66 4.78 -5.25
N ASN A 301 -4.24 5.23 -4.05
CA ASN A 301 -5.10 5.13 -2.88
C ASN A 301 -6.22 6.10 -3.15
N ASP A 302 -7.47 5.71 -2.82
CA ASP A 302 -8.60 6.59 -2.96
C ASP A 302 -8.54 7.94 -2.31
N ASN A 303 -7.69 8.13 -1.30
CA ASN A 303 -7.63 9.41 -0.57
C ASN A 303 -6.60 10.35 -1.15
N THR A 304 -6.09 10.11 -2.34
CA THR A 304 -5.04 10.96 -2.90
C THR A 304 -5.66 12.29 -3.35
N GLU A 305 -5.21 13.36 -2.73
CA GLU A 305 -5.54 14.67 -3.21
C GLU A 305 -4.84 14.96 -4.54
N CYS A 306 -3.54 14.72 -4.60
CA CYS A 306 -2.76 14.99 -5.83
C CYS A 306 -1.44 14.20 -5.80
N LEU A 307 -0.90 13.92 -7.00
CA LEU A 307 0.50 13.47 -7.09
C LEU A 307 1.39 14.74 -6.94
N ALA A 308 2.42 14.66 -6.08
CA ALA A 308 3.32 15.82 -5.72
C ALA A 308 4.71 15.69 -6.31
N LYS A 309 5.30 16.79 -6.71
CA LYS A 309 6.72 16.80 -7.10
C LYS A 309 7.52 16.44 -5.87
N LEU A 310 8.72 15.91 -6.05
CA LEU A 310 9.49 15.46 -4.92
C LEU A 310 10.38 16.62 -4.46
N GLY A 311 11.19 17.17 -5.35
CA GLY A 311 12.04 18.31 -4.85
C GLY A 311 13.19 17.77 -4.01
N GLY A 312 14.40 18.14 -4.44
CA GLY A 312 15.65 17.59 -3.90
C GLY A 312 15.95 16.44 -4.80
N ARG A 313 15.21 16.31 -5.89
CA ARG A 313 15.42 15.26 -6.85
C ARG A 313 16.01 13.99 -6.21
N PRO A 314 15.29 13.38 -5.28
CA PRO A 314 15.80 12.34 -4.43
C PRO A 314 16.07 10.97 -5.07
N THR A 315 17.11 10.27 -4.60
CA THR A 315 17.34 8.88 -5.00
C THR A 315 16.32 8.03 -4.23
N TYR A 316 16.32 6.70 -4.44
CA TYR A 316 15.26 5.90 -3.84
C TYR A 316 15.52 5.72 -2.33
N GLU A 317 16.78 5.81 -1.89
CA GLU A 317 17.14 5.68 -0.47
C GLU A 317 16.86 6.97 0.26
N GLU A 318 16.99 8.08 -0.48
CA GLU A 318 16.73 9.38 0.12
C GLU A 318 15.24 9.49 0.19
N TYR A 319 14.53 9.08 -0.87
CA TYR A 319 13.04 9.14 -0.80
C TYR A 319 12.55 8.28 0.38
N LEU A 320 12.93 7.00 0.45
CA LEU A 320 12.48 6.13 1.58
C LEU A 320 12.99 6.54 2.98
N GLY A 321 14.14 7.20 3.04
CA GLY A 321 14.82 7.54 4.31
C GLY A 321 15.72 6.45 4.85
N THR A 322 16.71 6.81 5.66
CA THR A 322 17.72 5.80 6.17
C THR A 322 17.16 4.92 7.28
N GLU A 323 16.29 5.50 8.12
CA GLU A 323 15.52 4.71 9.09
C GLU A 323 14.95 3.47 8.43
N TYR A 324 13.99 3.70 7.53
CA TYR A 324 13.36 2.62 6.75
C TYR A 324 14.33 1.75 5.93
N VAL A 325 15.34 2.36 5.29
CA VAL A 325 16.22 1.56 4.41
C VAL A 325 16.95 0.64 5.32
N THR A 326 17.26 1.03 6.55
CA THR A 326 17.96 0.05 7.44
C THR A 326 17.09 -1.13 7.91
N ALA A 327 15.83 -0.87 8.27
CA ALA A 327 14.87 -1.94 8.68
C ALA A 327 14.66 -2.97 7.57
N ILE A 328 14.30 -2.54 6.35
CA ILE A 328 14.26 -3.45 5.19
C ILE A 328 15.59 -4.21 4.94
N ALA A 329 16.77 -3.55 5.06
CA ALA A 329 18.10 -4.26 5.03
C ALA A 329 18.19 -5.40 6.05
N ASN A 330 18.10 -5.04 7.34
CA ASN A 330 18.06 -6.03 8.43
C ASN A 330 17.03 -7.16 8.34
N LEU A 331 15.76 -6.88 7.97
CA LEU A 331 14.75 -7.95 7.80
C LEU A 331 15.07 -8.84 6.60
N LYS A 332 15.60 -8.29 5.50
CA LYS A 332 15.95 -9.07 4.32
C LYS A 332 17.24 -9.90 4.57
N LYS A 333 18.06 -9.51 5.57
CA LYS A 333 19.10 -10.46 6.12
C LYS A 333 18.61 -11.90 6.44
N CYS A 334 17.36 -12.05 6.89
CA CYS A 334 16.67 -13.33 7.17
C CYS A 334 16.35 -14.24 6.01
N SER A 335 15.55 -13.76 5.05
CA SER A 335 15.12 -14.57 3.88
C SER A 335 16.27 -14.82 2.93
N LEU A 340 25.94 -9.25 -0.71
CA LEU A 340 24.52 -9.52 -0.99
C LEU A 340 23.77 -8.22 -1.47
N GLU A 341 24.44 -7.45 -2.35
CA GLU A 341 23.88 -6.21 -2.96
C GLU A 341 23.54 -6.37 -4.48
N ALA A 342 22.30 -6.82 -4.81
CA ALA A 342 21.91 -6.99 -6.22
C ALA A 342 20.42 -6.71 -6.44
N CYS A 343 20.03 -6.57 -7.71
CA CYS A 343 18.65 -6.54 -8.13
C CYS A 343 18.13 -7.99 -8.14
N ALA A 344 16.98 -8.19 -7.47
CA ALA A 344 16.34 -9.50 -7.37
C ALA A 344 16.28 -10.19 -8.76
N PHE A 345 16.02 -9.39 -9.79
CA PHE A 345 15.83 -9.86 -11.18
C PHE A 345 17.06 -9.64 -12.11
#